data_4HVI
#
_entry.id   4HVI
#
_cell.length_a   47.094
_cell.length_b   75.741
_cell.length_c   89.915
_cell.angle_alpha   90.00
_cell.angle_beta   90.00
_cell.angle_gamma   90.00
#
_symmetry.space_group_name_H-M   'P 21 21 21'
#
loop_
_entity.id
_entity.type
_entity.pdbx_description
1 polymer 'Tyrosine-protein kinase JAK3'
2 non-polymer 2-cyclopropyl-N-[(2R)-1-oxo-1-(piperidin-1-yl)propan-2-yl]-5H-pyrrolo[2,3-b]pyrazine-7-carboxamide
3 water water
#
_entity_poly.entity_id   1
_entity_poly.type   'polypeptide(L)'
_entity_poly.pdbx_seq_one_letter_code
;CQDPTIFEERHLKYISQLGKGNFGSVELCRYDPLGDNTGALVAVKQLQHSGPDQQRDFQREIQILKALHSDFIVKYRGVS
YGPGRQSLRLVMEYLPSGCLRDFLQRHRARLDASRLLLYSSQICKGMEYLGSRRCVHRDLAARNILVESEAHVKIADFGL
AKLLPLDKDYYVVREPGQSPIFWYAPESLSDNIFSRQSDVWSFGVVLYELFTYCDKSCSPSAEFLRMMGSERDVPALSRL
LELLEEGQRLPAPPACPAEVHELMKLCWAPSPQDRPSFSALGPQLDMLWSGSRGCETHAFTAHPEGKHHSLSFS
;
_entity_poly.pdbx_strand_id   A
#
loop_
_chem_comp.id
_chem_comp.type
_chem_comp.name
_chem_comp.formula
19S non-polymer 2-cyclopropyl-N-[(2R)-1-oxo-1-(piperidin-1-yl)propan-2-yl]-5H-pyrrolo[2,3-b]pyrazine-7-carboxamide 'C18 H23 N5 O2'
#
# COMPACT_ATOMS: atom_id res chain seq x y z
N THR A 5 14.63 -15.17 15.22
CA THR A 5 14.14 -13.77 15.05
C THR A 5 15.23 -12.72 15.31
N ILE A 6 16.44 -13.19 15.59
CA ILE A 6 17.60 -12.28 15.64
C ILE A 6 18.66 -12.74 14.64
N PHE A 7 19.05 -11.81 13.76
CA PHE A 7 19.96 -12.11 12.66
C PHE A 7 21.29 -11.39 12.91
N GLU A 8 22.39 -12.13 12.92
CA GLU A 8 23.72 -11.53 13.01
C GLU A 8 24.07 -10.84 11.71
N GLU A 9 24.62 -9.62 11.81
CA GLU A 9 24.86 -8.82 10.60
C GLU A 9 25.84 -9.48 9.64
N ARG A 10 26.83 -10.17 10.20
CA ARG A 10 27.90 -10.77 9.41
C ARG A 10 27.42 -11.95 8.55
N HIS A 11 26.29 -12.55 8.91
CA HIS A 11 25.71 -13.64 8.14
C HIS A 11 24.76 -13.12 7.07
N LEU A 12 24.44 -11.82 7.15
CA LEU A 12 23.58 -11.18 6.17
C LEU A 12 24.42 -10.61 5.07
N LYS A 13 24.25 -11.16 3.88
CA LYS A 13 25.15 -10.90 2.78
C LYS A 13 24.46 -10.20 1.63
N TYR A 14 24.91 -8.98 1.39
CA TYR A 14 24.35 -8.06 0.41
C TYR A 14 24.37 -8.66 -0.99
N ILE A 15 23.29 -8.45 -1.72
CA ILE A 15 23.18 -8.85 -3.12
C ILE A 15 22.87 -7.67 -4.06
N SER A 16 21.79 -6.94 -3.80
CA SER A 16 21.34 -5.84 -4.67
C SER A 16 20.33 -4.91 -3.98
N GLN A 17 20.00 -3.81 -4.62
CA GLN A 17 18.97 -2.93 -4.07
C GLN A 17 17.63 -3.32 -4.66
N LEU A 18 16.64 -3.51 -3.80
CA LEU A 18 15.24 -3.74 -4.22
C LEU A 18 14.43 -2.44 -4.36
N GLY A 19 14.61 -1.51 -3.44
CA GLY A 19 13.87 -0.25 -3.49
C GLY A 19 14.51 0.87 -2.70
N LYS A 20 14.20 2.10 -3.11
CA LYS A 20 14.65 3.32 -2.41
C LYS A 20 13.41 4.16 -2.13
N GLY A 21 13.37 4.80 -0.96
CA GLY A 21 12.23 5.66 -0.67
C GLY A 21 12.29 6.24 0.71
N ASN A 22 12.12 7.57 0.74
CA ASN A 22 12.20 8.40 1.94
C ASN A 22 12.97 7.78 3.12
N PHE A 23 14.25 8.14 3.18
CA PHE A 23 15.10 7.87 4.34
C PHE A 23 15.47 6.39 4.55
N GLY A 24 14.91 5.50 3.73
CA GLY A 24 15.21 4.07 3.82
C GLY A 24 15.36 3.30 2.52
N SER A 25 16.06 2.18 2.59
CA SER A 25 16.15 1.28 1.45
C SER A 25 15.76 -0.14 1.84
N VAL A 26 15.28 -0.89 0.86
CA VAL A 26 15.15 -2.34 1.00
C VAL A 26 16.15 -3.05 0.08
N GLU A 27 16.86 -4.01 0.66
CA GLU A 27 17.92 -4.73 -0.03
C GLU A 27 17.61 -6.23 -0.10
N LEU A 28 18.08 -6.88 -1.15
CA LEU A 28 18.09 -8.33 -1.17
C LEU A 28 19.40 -8.78 -0.57
N CYS A 29 19.30 -9.64 0.45
CA CYS A 29 20.45 -10.25 1.08
C CYS A 29 20.26 -11.75 1.10
N ARG A 30 21.35 -12.49 1.29
CA ARG A 30 21.23 -13.89 1.64
C ARG A 30 21.62 -14.01 3.10
N TYR A 31 20.76 -14.64 3.89
CA TYR A 31 21.15 -15.02 5.23
C TYR A 31 21.94 -16.29 5.10
N ASP A 32 23.25 -16.19 5.30
CA ASP A 32 24.17 -17.24 4.93
C ASP A 32 25.19 -17.58 6.05
N PRO A 33 24.71 -18.21 7.13
CA PRO A 33 25.60 -18.57 8.23
C PRO A 33 26.73 -19.53 7.82
N LEU A 34 26.51 -20.35 6.79
CA LEU A 34 27.55 -21.30 6.36
C LEU A 34 28.61 -20.66 5.48
N GLY A 35 28.34 -19.45 4.98
CA GLY A 35 29.27 -18.72 4.12
C GLY A 35 29.50 -19.33 2.74
N ASP A 36 28.54 -20.11 2.25
CA ASP A 36 28.75 -20.93 1.06
C ASP A 36 27.78 -20.68 -0.10
N ASN A 37 26.97 -19.62 0.01
CA ASN A 37 25.96 -19.28 -1.00
C ASN A 37 24.72 -20.18 -1.02
N THR A 38 24.40 -20.83 0.09
CA THR A 38 23.25 -21.76 0.09
C THR A 38 22.09 -21.29 0.97
N GLY A 39 22.28 -20.19 1.66
CA GLY A 39 21.27 -19.67 2.57
C GLY A 39 20.05 -19.09 1.88
N ALA A 40 19.02 -18.86 2.68
CA ALA A 40 17.77 -18.33 2.19
C ALA A 40 17.91 -16.83 1.92
N LEU A 41 17.21 -16.38 0.88
CA LEU A 41 17.07 -14.97 0.58
C LEU A 41 16.05 -14.29 1.48
N VAL A 42 16.38 -13.08 1.91
CA VAL A 42 15.50 -12.26 2.73
C VAL A 42 15.57 -10.82 2.23
N ALA A 43 14.52 -10.07 2.47
CA ALA A 43 14.51 -8.64 2.17
C ALA A 43 14.85 -7.88 3.45
N VAL A 44 15.77 -6.93 3.35
CA VAL A 44 16.24 -6.23 4.56
C VAL A 44 16.05 -4.74 4.43
N LYS A 45 15.27 -4.19 5.35
CA LYS A 45 15.06 -2.75 5.40
C LYS A 45 15.97 -2.12 6.42
N GLN A 46 16.54 -0.98 6.04
CA GLN A 46 17.29 -0.13 6.96
C GLN A 46 17.11 1.36 6.63
N LEU A 47 17.48 2.19 7.60
CA LEU A 47 17.46 3.62 7.42
C LEU A 47 18.79 3.99 6.80
N GLN A 48 18.87 5.20 6.25
CA GLN A 48 20.14 5.69 5.70
C GLN A 48 20.60 6.97 6.40
N GLY A 51 19.03 10.50 11.18
CA GLY A 51 18.21 11.46 11.98
C GLY A 51 17.64 10.82 13.23
N PRO A 52 17.49 11.61 14.31
CA PRO A 52 17.02 11.11 15.62
C PRO A 52 15.58 10.58 15.58
N ASP A 53 14.73 11.23 14.78
CA ASP A 53 13.30 10.92 14.74
C ASP A 53 12.92 9.79 13.79
N GLN A 54 13.65 9.68 12.69
CA GLN A 54 13.44 8.62 11.72
C GLN A 54 13.77 7.27 12.38
N GLN A 55 14.78 7.27 13.25
CA GLN A 55 15.17 6.06 13.99
C GLN A 55 14.05 5.61 14.92
N ARG A 56 13.40 6.58 15.55
CA ARG A 56 12.28 6.32 16.45
C ARG A 56 11.10 5.77 15.65
N ASP A 57 10.82 6.38 14.51
CA ASP A 57 9.78 5.92 13.62
C ASP A 57 10.06 4.52 13.10
N PHE A 58 11.34 4.26 12.81
CA PHE A 58 11.78 2.95 12.34
C PHE A 58 11.56 1.84 13.38
N GLN A 59 11.92 2.12 14.62
CA GLN A 59 11.63 1.24 15.75
C GLN A 59 10.13 0.96 15.87
N ARG A 60 9.31 1.97 15.63
CA ARG A 60 7.85 1.82 15.68
C ARG A 60 7.32 0.97 14.51
N GLU A 61 7.88 1.19 13.32
CA GLU A 61 7.55 0.42 12.14
C GLU A 61 7.83 -1.08 12.35
N ILE A 62 8.95 -1.38 13.01
CA ILE A 62 9.30 -2.75 13.32
C ILE A 62 8.31 -3.40 14.31
N GLN A 63 7.98 -2.68 15.39
CA GLN A 63 7.06 -3.22 16.40
C GLN A 63 5.66 -3.45 15.84
N ILE A 64 5.20 -2.52 15.00
CA ILE A 64 3.94 -2.70 14.29
C ILE A 64 3.95 -3.95 13.39
N LEU A 65 4.98 -4.11 12.56
CA LEU A 65 5.03 -5.25 11.64
C LEU A 65 5.23 -6.56 12.38
N LYS A 66 6.04 -6.53 13.43
CA LYS A 66 6.25 -7.70 14.28
C LYS A 66 4.93 -8.20 14.87
N ALA A 67 4.05 -7.26 15.23
CA ALA A 67 2.75 -7.59 15.81
C ALA A 67 1.67 -7.97 14.77
N LEU A 68 2.02 -7.95 13.48
CA LEU A 68 1.03 -8.29 12.43
C LEU A 68 1.17 -9.72 11.89
N HIS A 69 0.05 -10.46 11.85
CA HIS A 69 0.03 -11.85 11.37
C HIS A 69 -1.14 -12.09 10.43
N SER A 70 -0.87 -12.13 9.15
CA SER A 70 -1.91 -12.28 8.15
C SER A 70 -1.26 -12.74 6.88
N ASP A 71 -1.98 -13.59 6.15
CA ASP A 71 -1.51 -14.09 4.86
C ASP A 71 -1.42 -12.97 3.84
N PHE A 72 -2.08 -11.84 4.13
CA PHE A 72 -2.11 -10.70 3.22
C PHE A 72 -1.27 -9.50 3.69
N ILE A 73 -0.36 -9.75 4.63
CA ILE A 73 0.64 -8.75 5.02
C ILE A 73 2.03 -9.35 4.95
N VAL A 74 2.95 -8.64 4.30
CA VAL A 74 4.35 -9.08 4.20
C VAL A 74 4.83 -9.57 5.58
N LYS A 75 5.56 -10.68 5.60
CA LYS A 75 5.91 -11.33 6.84
C LYS A 75 7.22 -10.80 7.45
N TYR A 76 7.13 -10.45 8.72
CA TYR A 76 8.27 -10.13 9.56
C TYR A 76 9.08 -11.39 9.86
N ARG A 77 10.40 -11.33 9.69
CA ARG A 77 11.27 -12.47 9.99
C ARG A 77 12.09 -12.26 11.25
N GLY A 78 12.55 -11.03 11.45
CA GLY A 78 13.32 -10.66 12.63
C GLY A 78 14.04 -9.33 12.44
N VAL A 79 15.03 -9.08 13.30
CA VAL A 79 15.85 -7.88 13.23
C VAL A 79 17.33 -8.25 13.26
N SER A 80 18.18 -7.33 12.81
CA SER A 80 19.59 -7.35 13.17
C SER A 80 19.96 -5.98 13.70
N TYR A 81 20.84 -5.94 14.70
CA TYR A 81 21.29 -4.71 15.35
C TYR A 81 22.70 -4.41 14.90
N LEU A 88 18.78 -1.90 14.19
CA LEU A 88 19.32 -1.20 13.01
C LEU A 88 18.74 -1.69 11.67
N ARG A 89 18.35 -2.97 11.57
CA ARG A 89 17.83 -3.55 10.30
C ARG A 89 16.61 -4.45 10.52
N LEU A 90 15.65 -4.36 9.60
CA LEU A 90 14.43 -5.14 9.66
C LEU A 90 14.44 -6.26 8.61
N VAL A 91 14.32 -7.52 9.05
CA VAL A 91 14.41 -8.68 8.17
C VAL A 91 13.02 -9.21 7.85
N MET A 92 12.73 -9.37 6.56
CA MET A 92 11.43 -9.76 6.06
C MET A 92 11.55 -10.87 5.02
N GLU A 93 10.44 -11.55 4.75
CA GLU A 93 10.41 -12.49 3.66
C GLU A 93 10.63 -11.71 2.36
N TYR A 94 11.27 -12.39 1.42
CA TYR A 94 11.56 -11.84 0.13
C TYR A 94 10.56 -12.42 -0.85
N LEU A 95 9.87 -11.55 -1.57
CA LEU A 95 8.92 -11.97 -2.60
C LEU A 95 9.51 -11.59 -3.96
N PRO A 96 10.01 -12.60 -4.71
CA PRO A 96 10.78 -12.28 -5.92
C PRO A 96 9.95 -11.57 -7.01
N SER A 97 8.63 -11.81 -7.02
CA SER A 97 7.75 -11.20 -8.01
C SER A 97 7.59 -9.67 -7.87
N GLY A 98 8.14 -9.07 -6.81
CA GLY A 98 8.21 -7.62 -6.70
C GLY A 98 6.83 -7.02 -6.49
N CYS A 99 6.65 -5.77 -6.85
CA CYS A 99 5.41 -5.12 -6.52
C CYS A 99 4.34 -5.34 -7.59
N LEU A 100 3.10 -5.26 -7.15
CA LEU A 100 1.92 -5.43 -7.96
C LEU A 100 1.88 -4.46 -9.13
N ARG A 101 2.37 -3.25 -8.91
CA ARG A 101 2.43 -2.24 -9.96
C ARG A 101 3.22 -2.71 -11.18
N ASP A 102 4.40 -3.29 -10.97
CA ASP A 102 5.21 -3.82 -12.09
C ASP A 102 4.67 -5.16 -12.60
N PHE A 103 4.20 -5.98 -11.67
CA PHE A 103 3.62 -7.25 -12.03
C PHE A 103 2.44 -7.06 -13.00
N LEU A 104 1.58 -6.09 -12.69
CA LEU A 104 0.41 -5.80 -13.52
C LEU A 104 0.83 -5.32 -14.89
N GLN A 105 1.78 -4.39 -14.90
CA GLN A 105 2.33 -3.85 -16.13
C GLN A 105 2.97 -4.91 -17.03
N ARG A 106 3.51 -5.98 -16.44
CA ARG A 106 4.19 -7.06 -17.18
C ARG A 106 3.30 -8.23 -17.57
N HIS A 107 2.29 -8.52 -16.75
CA HIS A 107 1.50 -9.73 -16.96
C HIS A 107 0.08 -9.45 -17.37
N ARG A 108 -0.14 -8.24 -17.86
CA ARG A 108 -1.42 -7.76 -18.36
C ARG A 108 -2.23 -8.79 -19.17
N ALA A 109 -1.56 -9.52 -20.07
CA ALA A 109 -2.23 -10.47 -20.97
C ALA A 109 -2.87 -11.69 -20.28
N ARG A 110 -2.39 -12.03 -19.08
CA ARG A 110 -2.85 -13.21 -18.33
C ARG A 110 -3.88 -12.89 -17.23
N LEU A 111 -3.90 -11.65 -16.75
CA LEU A 111 -4.80 -11.31 -15.63
C LEU A 111 -6.13 -10.74 -16.11
N ASP A 112 -7.18 -11.55 -16.05
CA ASP A 112 -8.53 -11.11 -16.36
C ASP A 112 -9.21 -10.47 -15.14
N ALA A 113 -10.44 -9.98 -15.33
CA ALA A 113 -11.18 -9.28 -14.29
C ALA A 113 -11.29 -10.03 -12.98
N SER A 114 -11.36 -11.36 -13.04
CA SER A 114 -11.49 -12.18 -11.85
C SER A 114 -10.25 -12.13 -11.00
N ARG A 115 -9.11 -12.12 -11.67
CA ARG A 115 -7.84 -12.16 -10.99
C ARG A 115 -7.71 -10.85 -10.26
N LEU A 116 -8.01 -9.76 -10.97
CA LEU A 116 -7.97 -8.42 -10.43
C LEU A 116 -8.88 -8.30 -9.22
N LEU A 117 -10.03 -8.96 -9.31
CA LEU A 117 -10.99 -8.98 -8.21
C LEU A 117 -10.49 -9.85 -7.06
N LEU A 118 -9.74 -10.91 -7.37
CA LEU A 118 -9.12 -11.71 -6.35
C LEU A 118 -8.08 -10.89 -5.57
N TYR A 119 -7.22 -10.17 -6.30
CA TYR A 119 -6.25 -9.26 -5.67
C TYR A 119 -6.93 -8.23 -4.77
N SER A 120 -7.93 -7.53 -5.31
CA SER A 120 -8.71 -6.52 -4.58
C SER A 120 -9.24 -7.05 -3.25
N SER A 121 -9.85 -8.22 -3.33
CA SER A 121 -10.39 -8.91 -2.18
C SER A 121 -9.31 -9.19 -1.14
N GLN A 122 -8.15 -9.64 -1.59
CA GLN A 122 -7.04 -10.02 -0.70
C GLN A 122 -6.48 -8.82 0.01
N ILE A 123 -6.32 -7.71 -0.73
CA ILE A 123 -5.87 -6.44 -0.16
C ILE A 123 -6.89 -5.92 0.85
N CYS A 124 -8.17 -6.16 0.54
CA CYS A 124 -9.27 -5.68 1.35
C CYS A 124 -9.26 -6.36 2.72
N LYS A 125 -9.18 -7.69 2.72
CA LYS A 125 -9.04 -8.45 3.96
C LYS A 125 -7.82 -8.00 4.78
N GLY A 126 -6.73 -7.72 4.08
CA GLY A 126 -5.53 -7.25 4.72
C GLY A 126 -5.80 -5.93 5.43
N MET A 127 -6.50 -5.03 4.75
CA MET A 127 -6.83 -3.73 5.30
C MET A 127 -7.84 -3.81 6.44
N GLU A 128 -8.77 -4.75 6.32
CA GLU A 128 -9.72 -5.09 7.38
C GLU A 128 -8.97 -5.57 8.65
N TYR A 129 -7.93 -6.37 8.47
CA TYR A 129 -7.10 -6.79 9.58
C TYR A 129 -6.29 -5.64 10.22
N LEU A 130 -5.75 -4.74 9.38
CA LEU A 130 -5.09 -3.52 9.87
C LEU A 130 -6.00 -2.64 10.69
N GLY A 131 -7.18 -2.34 10.17
CA GLY A 131 -8.21 -1.60 10.89
C GLY A 131 -8.55 -2.22 12.23
N SER A 132 -8.67 -3.54 12.26
CA SER A 132 -8.97 -4.25 13.50
C SER A 132 -7.81 -4.12 14.51
N ARG A 133 -6.59 -3.96 14.00
CA ARG A 133 -5.40 -3.69 14.85
C ARG A 133 -5.24 -2.21 15.21
N ARG A 134 -6.15 -1.37 14.69
CA ARG A 134 -6.16 0.10 14.88
C ARG A 134 -5.05 0.81 14.10
N CYS A 135 -4.58 0.13 13.04
CA CYS A 135 -3.47 0.62 12.24
C CYS A 135 -3.95 1.29 10.96
N VAL A 136 -3.56 2.54 10.81
CA VAL A 136 -3.74 3.27 9.57
C VAL A 136 -2.44 3.09 8.77
N HIS A 137 -2.55 2.57 7.55
CA HIS A 137 -1.41 2.39 6.65
C HIS A 137 -0.83 3.72 6.07
N ARG A 138 -1.70 4.62 5.63
CA ARG A 138 -1.31 5.95 5.11
C ARG A 138 -0.65 6.00 3.73
N ASP A 139 -0.30 4.84 3.16
CA ASP A 139 0.45 4.81 1.90
C ASP A 139 0.07 3.60 1.02
N LEU A 140 -1.22 3.29 1.02
CA LEU A 140 -1.74 2.24 0.19
C LEU A 140 -1.66 2.70 -1.25
N ALA A 141 -1.06 1.87 -2.11
CA ALA A 141 -0.84 2.15 -3.53
C ALA A 141 -0.27 0.86 -4.10
N ALA A 142 -0.55 0.55 -5.38
CA ALA A 142 -0.03 -0.69 -5.99
C ALA A 142 1.48 -0.94 -5.85
N ARG A 143 2.26 0.13 -5.68
CA ARG A 143 3.72 0.04 -5.63
C ARG A 143 4.16 -0.55 -4.27
N ASN A 144 3.22 -0.50 -3.32
CA ASN A 144 3.42 -0.97 -1.94
C ASN A 144 2.75 -2.30 -1.63
N ILE A 145 2.13 -2.89 -2.65
CA ILE A 145 1.52 -4.22 -2.56
C ILE A 145 2.51 -5.17 -3.23
N LEU A 146 2.89 -6.24 -2.53
CA LEU A 146 3.82 -7.21 -3.08
C LEU A 146 3.08 -8.42 -3.56
N VAL A 147 3.68 -9.14 -4.50
CA VAL A 147 3.06 -10.33 -5.11
C VAL A 147 3.73 -11.60 -4.61
N GLU A 148 2.97 -12.43 -3.94
CA GLU A 148 3.50 -13.66 -3.38
C GLU A 148 3.47 -14.76 -4.46
N SER A 149 2.35 -14.90 -5.15
CA SER A 149 2.23 -15.86 -6.23
C SER A 149 1.20 -15.30 -7.21
N GLU A 150 1.08 -15.90 -8.39
CA GLU A 150 0.16 -15.37 -9.41
C GLU A 150 -1.26 -15.12 -8.85
N ALA A 151 -1.65 -15.85 -7.80
CA ALA A 151 -2.97 -15.71 -7.17
C ALA A 151 -2.94 -15.29 -5.68
N HIS A 152 -1.92 -14.51 -5.28
CA HIS A 152 -1.73 -14.13 -3.88
C HIS A 152 -0.91 -12.84 -3.71
N VAL A 153 -1.52 -11.82 -3.09
CA VAL A 153 -0.80 -10.56 -2.84
C VAL A 153 -0.76 -10.23 -1.35
N LYS A 154 0.18 -9.36 -0.98
CA LYS A 154 0.42 -8.95 0.39
C LYS A 154 0.73 -7.46 0.43
N ILE A 155 0.17 -6.77 1.42
CA ILE A 155 0.41 -5.37 1.69
C ILE A 155 1.78 -5.24 2.33
N ALA A 156 2.55 -4.23 1.91
CA ALA A 156 3.86 -3.93 2.48
C ALA A 156 3.98 -2.44 2.78
N ASP A 157 5.21 -2.01 3.08
CA ASP A 157 5.57 -0.60 3.36
C ASP A 157 4.79 0.04 4.52
N PHE A 158 5.23 -0.22 5.74
CA PHE A 158 4.58 0.31 6.95
C PHE A 158 5.38 1.47 7.55
N GLY A 159 6.22 2.09 6.73
CA GLY A 159 7.08 3.21 7.15
C GLY A 159 6.35 4.45 7.56
N LEU A 160 5.14 4.61 7.06
CA LEU A 160 4.28 5.73 7.40
C LEU A 160 3.13 5.37 8.36
N ALA A 161 3.03 4.09 8.71
CA ALA A 161 1.88 3.60 9.46
C ALA A 161 1.82 4.17 10.88
N LYS A 162 0.60 4.43 11.35
CA LYS A 162 0.36 4.94 12.69
C LYS A 162 -0.64 4.07 13.44
N LEU A 163 -0.43 3.95 14.74
CA LEU A 163 -1.40 3.32 15.61
C LEU A 163 -2.35 4.38 16.17
N LEU A 164 -3.65 4.20 15.90
CA LEU A 164 -4.69 5.08 16.44
C LEU A 164 -4.80 4.90 17.95
N PRO A 165 -4.82 6.02 18.70
CA PRO A 165 -5.08 5.88 20.13
C PRO A 165 -6.52 5.42 20.38
N LEU A 166 -6.74 4.70 21.47
CA LEU A 166 -8.08 4.15 21.77
C LEU A 166 -9.19 5.19 21.79
N ASP A 167 -8.84 6.42 22.19
CA ASP A 167 -9.80 7.52 22.35
C ASP A 167 -10.17 8.23 21.05
N LYS A 168 -9.31 8.11 20.04
CA LYS A 168 -9.46 8.78 18.74
C LYS A 168 -9.64 7.77 17.63
N ASP A 169 -10.17 8.22 16.49
CA ASP A 169 -10.28 7.36 15.30
C ASP A 169 -9.60 7.99 14.07
N TYR A 170 -8.95 9.12 14.28
CA TYR A 170 -8.18 9.81 13.26
C TYR A 170 -6.86 10.29 13.85
N TYR A 171 -5.93 10.61 12.97
CA TYR A 171 -4.60 11.08 13.33
C TYR A 171 -4.27 12.29 12.47
N VAL A 172 -3.62 13.27 13.07
CA VAL A 172 -3.19 14.47 12.35
C VAL A 172 -1.66 14.52 12.29
N VAL A 173 -1.13 14.67 11.09
CA VAL A 173 0.31 14.68 10.85
C VAL A 173 0.79 16.12 10.66
N ARG A 174 1.82 16.50 11.43
CA ARG A 174 2.34 17.88 11.45
C ARG A 174 2.97 18.35 10.12
N GLU A 175 3.83 17.52 9.53
CA GLU A 175 4.54 17.88 8.32
C GLU A 175 3.87 17.27 7.09
N PRO A 176 4.03 17.92 5.91
CA PRO A 176 3.34 17.46 4.70
C PRO A 176 3.69 16.05 4.25
N GLY A 177 2.73 15.39 3.59
CA GLY A 177 2.98 14.09 2.98
C GLY A 177 3.98 14.17 1.84
N GLN A 178 4.74 13.10 1.65
CA GLN A 178 5.76 13.07 0.62
C GLN A 178 5.49 12.06 -0.51
N SER A 179 4.30 11.47 -0.50
CA SER A 179 3.84 10.53 -1.55
C SER A 179 3.05 11.25 -2.66
N PRO A 180 2.91 10.63 -3.85
CA PRO A 180 2.10 11.25 -4.91
C PRO A 180 0.70 11.72 -4.44
N ILE A 181 0.36 12.97 -4.72
CA ILE A 181 -0.85 13.59 -4.21
C ILE A 181 -2.16 12.90 -4.64
N PHE A 182 -2.09 12.13 -5.71
CA PHE A 182 -3.29 11.57 -6.34
C PHE A 182 -3.87 10.38 -5.60
N TRP A 183 -3.19 9.93 -4.55
CA TRP A 183 -3.67 8.85 -3.70
C TRP A 183 -4.30 9.36 -2.39
N TYR A 184 -4.10 10.64 -2.07
CA TYR A 184 -4.57 11.16 -0.79
C TYR A 184 -6.07 11.46 -0.77
N ALA A 185 -6.70 11.18 0.37
CA ALA A 185 -8.06 11.64 0.63
C ALA A 185 -8.05 13.16 0.77
N PRO A 186 -9.17 13.81 0.39
CA PRO A 186 -9.25 15.28 0.47
C PRO A 186 -8.94 15.85 1.85
N GLU A 187 -9.30 15.14 2.92
CA GLU A 187 -9.09 15.66 4.27
C GLU A 187 -7.62 15.50 4.68
N SER A 188 -6.94 14.58 4.02
CA SER A 188 -5.49 14.45 4.18
C SER A 188 -4.80 15.62 3.49
N LEU A 189 -5.18 15.87 2.25
CA LEU A 189 -4.68 17.03 1.50
C LEU A 189 -4.90 18.38 2.20
N SER A 190 -6.13 18.66 2.63
CA SER A 190 -6.44 19.96 3.26
C SER A 190 -6.01 20.12 4.73
N ASP A 191 -6.09 19.03 5.51
CA ASP A 191 -5.89 19.11 6.98
C ASP A 191 -4.95 18.08 7.57
N ASN A 192 -4.28 17.29 6.71
CA ASN A 192 -3.33 16.25 7.15
C ASN A 192 -3.99 15.20 8.05
N ILE A 193 -5.28 14.94 7.79
CA ILE A 193 -6.06 14.02 8.61
C ILE A 193 -6.03 12.65 7.97
N PHE A 194 -5.53 11.69 8.73
CA PHE A 194 -5.49 10.31 8.28
C PHE A 194 -6.24 9.45 9.26
N SER A 195 -6.98 8.50 8.71
CA SER A 195 -7.81 7.59 9.46
C SER A 195 -7.97 6.32 8.61
N ARG A 196 -8.58 5.30 9.20
CA ARG A 196 -8.84 4.08 8.47
C ARG A 196 -9.73 4.39 7.25
N GLN A 197 -10.43 5.52 7.30
CA GLN A 197 -11.35 5.93 6.23
C GLN A 197 -10.65 6.71 5.12
N SER A 198 -9.50 7.30 5.42
CA SER A 198 -8.67 7.88 4.37
C SER A 198 -7.94 6.75 3.61
N ASP A 199 -7.66 5.64 4.31
CA ASP A 199 -7.16 4.39 3.72
C ASP A 199 -8.16 3.81 2.71
N VAL A 200 -9.45 3.91 3.01
CA VAL A 200 -10.49 3.48 2.07
C VAL A 200 -10.46 4.35 0.81
N TRP A 201 -10.27 5.66 0.98
CA TRP A 201 -10.06 6.53 -0.18
C TRP A 201 -8.92 5.97 -1.06
N SER A 202 -7.76 5.74 -0.47
CA SER A 202 -6.59 5.27 -1.23
C SER A 202 -6.83 3.88 -1.83
N PHE A 203 -7.51 3.02 -1.10
CA PHE A 203 -7.93 1.73 -1.67
C PHE A 203 -8.75 1.91 -2.96
N GLY A 204 -9.63 2.91 -3.01
CA GLY A 204 -10.38 3.20 -4.26
C GLY A 204 -9.42 3.44 -5.42
N VAL A 205 -8.36 4.21 -5.14
CA VAL A 205 -7.32 4.50 -6.15
C VAL A 205 -6.51 3.25 -6.54
N VAL A 206 -6.26 2.37 -5.56
CA VAL A 206 -5.62 1.07 -5.83
C VAL A 206 -6.47 0.22 -6.80
N LEU A 207 -7.77 0.11 -6.52
CA LEU A 207 -8.72 -0.51 -7.47
C LEU A 207 -8.58 0.04 -8.88
N TYR A 208 -8.49 1.37 -8.95
CA TYR A 208 -8.28 2.07 -10.23
C TYR A 208 -6.96 1.64 -10.86
N GLU A 209 -5.91 1.49 -10.04
CA GLU A 209 -4.63 0.97 -10.54
C GLU A 209 -4.74 -0.46 -11.09
N LEU A 210 -5.42 -1.35 -10.37
CA LEU A 210 -5.61 -2.73 -10.81
C LEU A 210 -6.29 -2.77 -12.17
N PHE A 211 -7.40 -2.06 -12.30
CA PHE A 211 -8.20 -2.15 -13.53
C PHE A 211 -7.66 -1.34 -14.71
N THR A 212 -6.62 -0.54 -14.49
CA THR A 212 -5.89 0.05 -15.60
C THR A 212 -4.60 -0.72 -15.84
N TYR A 213 -4.36 -1.73 -15.01
CA TYR A 213 -3.09 -2.44 -14.94
C TYR A 213 -1.91 -1.50 -14.74
N CYS A 214 -2.08 -0.48 -13.90
CA CYS A 214 -1.08 0.55 -13.69
C CYS A 214 -0.47 1.07 -14.98
N ASP A 215 -1.31 1.22 -16.01
CA ASP A 215 -0.87 1.80 -17.27
C ASP A 215 -0.56 3.28 -17.05
N LYS A 216 0.60 3.70 -17.56
CA LYS A 216 1.11 5.04 -17.26
C LYS A 216 0.25 6.14 -17.88
N SER A 217 -0.25 5.87 -19.08
CA SER A 217 -1.03 6.84 -19.85
C SER A 217 -2.42 7.13 -19.27
N CYS A 218 -2.95 6.23 -18.44
CA CYS A 218 -4.20 6.55 -17.75
C CYS A 218 -4.10 6.48 -16.23
N SER A 219 -2.87 6.65 -15.74
CA SER A 219 -2.60 6.82 -14.33
C SER A 219 -3.26 8.08 -13.78
N PRO A 220 -3.40 8.16 -12.44
CA PRO A 220 -3.92 9.35 -11.78
C PRO A 220 -3.26 10.66 -12.22
N SER A 221 -1.93 10.65 -12.29
CA SER A 221 -1.16 11.82 -12.72
C SER A 221 -1.62 12.27 -14.08
N ALA A 222 -1.55 11.35 -15.05
CA ALA A 222 -1.91 11.63 -16.43
C ALA A 222 -3.33 12.14 -16.52
N GLU A 223 -4.23 11.50 -15.77
CA GLU A 223 -5.63 11.93 -15.75
C GLU A 223 -5.84 13.32 -15.14
N PHE A 224 -5.11 13.64 -14.07
CA PHE A 224 -5.17 14.98 -13.46
C PHE A 224 -4.71 16.07 -14.40
N LEU A 225 -3.60 15.82 -15.10
CA LEU A 225 -3.07 16.80 -16.04
C LEU A 225 -4.05 17.11 -17.17
N ARG A 226 -4.87 16.11 -17.50
CA ARG A 226 -5.87 16.24 -18.56
C ARG A 226 -7.07 17.06 -18.09
N MET A 227 -7.38 16.99 -16.80
CA MET A 227 -8.49 17.76 -16.22
C MET A 227 -8.00 19.12 -15.71
N MET A 228 -6.73 19.42 -15.96
CA MET A 228 -6.06 20.67 -15.55
C MET A 228 -5.59 20.64 -14.08
N VAL A 234 -1.34 28.07 -10.72
CA VAL A 234 -2.10 27.58 -9.54
C VAL A 234 -1.50 26.23 -9.07
N PRO A 235 -1.16 26.12 -7.77
CA PRO A 235 -0.53 24.91 -7.22
C PRO A 235 -1.32 23.64 -7.50
N ALA A 236 -0.64 22.61 -8.02
CA ALA A 236 -1.26 21.33 -8.32
C ALA A 236 -2.06 20.75 -7.16
N LEU A 237 -1.53 20.88 -5.95
CA LEU A 237 -2.20 20.34 -4.75
C LEU A 237 -3.56 21.02 -4.53
N SER A 238 -3.61 22.32 -4.80
CA SER A 238 -4.83 23.11 -4.65
C SER A 238 -5.83 22.84 -5.77
N ARG A 239 -5.34 22.72 -7.00
CA ARG A 239 -6.17 22.37 -8.16
C ARG A 239 -6.90 21.04 -7.89
N LEU A 240 -6.14 20.04 -7.48
CA LEU A 240 -6.65 18.71 -7.17
C LEU A 240 -7.77 18.77 -6.13
N LEU A 241 -7.56 19.60 -5.12
CA LEU A 241 -8.56 19.87 -4.10
C LEU A 241 -9.85 20.47 -4.66
N GLU A 242 -9.74 21.52 -5.45
CA GLU A 242 -10.89 22.12 -6.14
C GLU A 242 -11.66 21.08 -6.97
N LEU A 243 -10.94 20.30 -7.77
CA LEU A 243 -11.53 19.25 -8.61
C LEU A 243 -12.32 18.24 -7.79
N LEU A 244 -11.73 17.77 -6.69
CA LEU A 244 -12.38 16.81 -5.79
C LEU A 244 -13.56 17.41 -5.02
N GLU A 245 -13.43 18.69 -4.68
CA GLU A 245 -14.47 19.46 -4.01
C GLU A 245 -15.69 19.56 -4.93
N GLU A 246 -15.43 19.76 -6.21
CA GLU A 246 -16.46 19.86 -7.25
C GLU A 246 -17.15 18.53 -7.53
N GLY A 247 -16.53 17.45 -7.10
CA GLY A 247 -17.04 16.11 -7.37
C GLY A 247 -16.45 15.47 -8.63
N GLN A 248 -15.36 16.04 -9.15
CA GLN A 248 -14.63 15.37 -10.22
C GLN A 248 -13.95 14.12 -9.67
N ARG A 249 -13.91 13.06 -10.48
CA ARG A 249 -13.29 11.80 -10.10
C ARG A 249 -12.66 11.14 -11.32
N LEU A 250 -11.74 10.21 -11.07
CA LEU A 250 -11.13 9.42 -12.14
C LEU A 250 -12.18 8.62 -12.91
N PRO A 251 -12.02 8.50 -14.23
CA PRO A 251 -13.02 7.82 -15.04
C PRO A 251 -12.91 6.29 -14.94
N ALA A 252 -13.97 5.60 -15.35
CA ALA A 252 -13.97 4.15 -15.35
C ALA A 252 -12.81 3.69 -16.23
N PRO A 253 -11.91 2.86 -15.67
CA PRO A 253 -10.84 2.34 -16.53
C PRO A 253 -11.43 1.65 -17.76
N PRO A 254 -10.71 1.69 -18.90
CA PRO A 254 -11.23 1.01 -20.10
C PRO A 254 -11.65 -0.42 -19.80
N ALA A 255 -12.80 -0.83 -20.32
CA ALA A 255 -13.37 -2.18 -20.10
C ALA A 255 -13.66 -2.50 -18.63
N CYS A 256 -13.57 -1.50 -17.75
CA CYS A 256 -13.87 -1.73 -16.34
C CYS A 256 -15.33 -2.12 -16.14
N PRO A 257 -15.57 -3.23 -15.43
CA PRO A 257 -16.95 -3.59 -15.11
C PRO A 257 -17.60 -2.44 -14.33
N ALA A 258 -18.88 -2.20 -14.59
CA ALA A 258 -19.61 -1.06 -14.01
C ALA A 258 -19.65 -1.14 -12.49
N GLU A 259 -20.01 -2.30 -11.96
CA GLU A 259 -20.10 -2.55 -10.52
C GLU A 259 -18.79 -2.25 -9.78
N VAL A 260 -17.66 -2.45 -10.46
CA VAL A 260 -16.34 -2.19 -9.90
C VAL A 260 -16.05 -0.70 -9.85
N HIS A 261 -16.46 0.02 -10.89
CA HIS A 261 -16.33 1.47 -10.91
C HIS A 261 -17.19 2.11 -9.83
N GLU A 262 -18.41 1.60 -9.64
CA GLU A 262 -19.32 2.08 -8.58
C GLU A 262 -18.67 1.96 -7.20
N LEU A 263 -17.98 0.84 -6.99
CA LEU A 263 -17.21 0.63 -5.78
C LEU A 263 -16.12 1.68 -5.58
N MET A 264 -15.48 2.10 -6.67
CA MET A 264 -14.45 3.13 -6.56
C MET A 264 -15.08 4.42 -6.08
N LYS A 265 -16.17 4.81 -6.74
CA LYS A 265 -16.90 6.04 -6.40
C LYS A 265 -17.40 6.02 -4.97
N LEU A 266 -17.81 4.86 -4.47
CA LEU A 266 -18.19 4.74 -3.06
C LEU A 266 -17.01 4.98 -2.10
N CYS A 267 -15.83 4.47 -2.46
CA CYS A 267 -14.59 4.75 -1.70
C CYS A 267 -14.20 6.21 -1.77
N TRP A 268 -14.65 6.89 -2.82
CA TRP A 268 -14.31 8.29 -3.03
C TRP A 268 -15.40 9.28 -2.60
N ALA A 269 -16.27 8.85 -1.68
CA ALA A 269 -17.26 9.71 -1.05
C ALA A 269 -16.59 10.89 -0.32
N PRO A 270 -17.09 12.10 -0.55
CA PRO A 270 -16.46 13.31 -0.01
C PRO A 270 -16.16 13.25 1.50
N SER A 271 -17.11 12.71 2.27
CA SER A 271 -16.97 12.67 3.71
C SER A 271 -16.60 11.26 4.16
N PRO A 272 -15.57 11.16 5.02
CA PRO A 272 -15.01 9.87 5.47
C PRO A 272 -16.07 8.91 6.02
N GLN A 273 -17.11 9.46 6.65
CA GLN A 273 -18.18 8.64 7.23
C GLN A 273 -19.10 8.01 6.18
N ASP A 274 -19.12 8.60 4.98
CA ASP A 274 -19.94 8.05 3.89
C ASP A 274 -19.21 7.03 3.03
N ARG A 275 -17.92 6.85 3.29
CA ARG A 275 -17.14 5.79 2.64
C ARG A 275 -17.45 4.48 3.34
N PRO A 276 -17.60 3.39 2.58
CA PRO A 276 -17.82 2.09 3.21
C PRO A 276 -16.59 1.58 3.98
N SER A 277 -16.82 0.77 5.00
CA SER A 277 -15.73 0.09 5.70
C SER A 277 -15.14 -1.01 4.82
N PHE A 278 -13.91 -1.40 5.16
CA PHE A 278 -13.28 -2.55 4.52
C PHE A 278 -14.11 -3.81 4.72
N SER A 279 -14.67 -3.98 5.92
CA SER A 279 -15.56 -5.13 6.22
C SER A 279 -16.84 -5.17 5.36
N ALA A 280 -17.40 -4.02 5.01
CA ALA A 280 -18.50 -3.99 4.03
C ALA A 280 -18.04 -4.27 2.60
N LEU A 281 -16.89 -3.71 2.21
CA LEU A 281 -16.33 -3.89 0.85
C LEU A 281 -16.02 -5.35 0.50
N GLY A 282 -15.44 -6.09 1.44
CA GLY A 282 -14.94 -7.44 1.21
C GLY A 282 -15.99 -8.39 0.61
N PRO A 283 -17.12 -8.54 1.32
CA PRO A 283 -18.28 -9.29 0.82
C PRO A 283 -18.64 -8.94 -0.63
N GLN A 284 -18.67 -7.65 -0.94
CA GLN A 284 -19.05 -7.16 -2.27
C GLN A 284 -18.05 -7.58 -3.34
N LEU A 285 -16.76 -7.46 -3.02
CA LEU A 285 -15.71 -7.91 -3.92
C LEU A 285 -15.73 -9.43 -4.14
N ASP A 286 -16.01 -10.18 -3.07
CA ASP A 286 -16.15 -11.64 -3.14
C ASP A 286 -17.31 -12.06 -4.05
N MET A 287 -18.41 -11.31 -3.98
CA MET A 287 -19.58 -11.57 -4.80
C MET A 287 -19.34 -11.27 -6.27
N LEU A 288 -18.63 -10.16 -6.54
CA LEU A 288 -18.25 -9.76 -7.90
C LEU A 288 -17.24 -10.72 -8.51
N TRP A 289 -16.32 -11.19 -7.68
CA TRP A 289 -15.36 -12.22 -8.07
C TRP A 289 -16.07 -13.49 -8.51
N SER A 290 -17.12 -13.86 -7.78
CA SER A 290 -17.95 -15.01 -8.11
C SER A 290 -18.94 -14.71 -9.25
N GLY A 291 -19.28 -13.43 -9.43
CA GLY A 291 -20.19 -13.00 -10.48
C GLY A 291 -19.52 -12.86 -11.84
N1 19S B . 10.26 -0.09 -0.27
C2 19S B . 9.49 0.57 0.79
C3 19S B . 10.49 0.94 1.89
C4 19S B . 11.56 1.88 1.32
C5 19S B . 12.27 1.29 0.08
C6 19S B . 11.27 0.74 -0.95
N7 19S B . 10.35 -8.49 -1.47
C8 19S B . 10.36 -6.49 -2.78
C9 19S B . 10.49 -7.88 -2.66
N10 19S B . 10.10 -5.75 -1.70
C11 19S B . 9.96 -6.34 -0.51
C12 19S B . 10.07 -7.75 -0.37
N13 19S B . 9.87 -8.06 0.96
C14 19S B . 9.61 -6.92 1.66
C15 19S B . 9.66 -5.83 0.84
C16 19S B . 9.41 -4.42 1.15
N17 19S B . 9.27 -3.61 0.09
O18 19S B . 9.29 -4.00 2.28
C19 19S B . 8.98 -2.18 0.15
C20 19S B . 10.51 -5.85 -4.13
C21 19S B . 9.59 -4.66 -4.43
C22 19S B . 11.10 -4.44 -4.26
C23 19S B . 10.04 -1.39 -0.59
C24 19S B . 7.66 -2.00 -0.63
O25 19S B . 10.67 -1.97 -1.48
#